data_8TRU
#
_entry.id   8TRU
#
_cell.length_a   57.280
_cell.length_b   57.280
_cell.length_c   222.160
_cell.angle_alpha   90.00
_cell.angle_beta   90.00
_cell.angle_gamma   90.00
#
_symmetry.space_group_name_H-M   'P 41 21 2'
#
loop_
_entity.id
_entity.type
_entity.pdbx_description
1 polymer 'Glucuronyl esterase'
2 non-polymer 'ZINC ION'
3 water water
#
_entity_poly.entity_id   1
_entity_poly.type   'polypeptide(L)'
_entity_poly.pdbx_seq_one_letter_code
;MNEFVEDHRSECQIGNIPSSVNNAKLPDPFMGLDGKRISSKADWKCRREEIGAMYEKLMFGTKPRNPEKVEGSYSGGKLT
IKVTDKGKSGSFSVKISNAGTKDKPKPAMIGFGGGMMGGCGSLGNATNGLDIAQITFNPDDVAPESGGGMFFQLYNQGQG
TIIAWAWGVSRIIDALEKTPEAGIDVKHLAMTGCSRWGKGTLAVGAFDERIALTIPQESGSGGASLWRVGAQVNKQKGKQ
FVQGLSSAGTEGKWMISSFKNYDGKENTLPFDQHMLVAMVAPRALLILDNAGQEWLGEVPSNYCGQASKEVYDALGATEN
YTYSQEGGHGHCQLPNGQFDEVKDFMNKFLLGKDAKTGKIDYTKNTQTINFKKSEWIDWETPSLKDPAFLYKPAFLYKVV
IMHHHHHH
;
_entity_poly.pdbx_strand_id   A
#
loop_
_chem_comp.id
_chem_comp.type
_chem_comp.name
_chem_comp.formula
ZN non-polymer 'ZINC ION' 'Zn 2'
#
# COMPACT_ATOMS: atom_id res chain seq x y z
N PHE A 4 8.54 -17.66 -3.52
CA PHE A 4 8.33 -16.38 -4.21
C PHE A 4 6.98 -16.40 -4.92
N VAL A 5 6.05 -15.60 -4.39
CA VAL A 5 4.63 -15.83 -4.62
C VAL A 5 3.88 -14.53 -4.39
N GLU A 6 2.90 -14.25 -5.27
CA GLU A 6 2.07 -13.06 -5.13
C GLU A 6 1.37 -13.01 -3.78
N ASP A 7 0.66 -14.07 -3.41
CA ASP A 7 -0.02 -14.17 -2.11
C ASP A 7 -0.25 -15.64 -1.79
N HIS A 8 -0.74 -15.89 -0.59
CA HIS A 8 -1.05 -17.25 -0.13
C HIS A 8 -2.55 -17.45 0.09
N ARG A 9 -3.37 -16.67 -0.63
CA ARG A 9 -4.81 -16.68 -0.38
C ARG A 9 -5.42 -18.08 -0.48
N SER A 10 -4.98 -18.88 -1.45
CA SER A 10 -5.54 -20.21 -1.69
C SER A 10 -5.16 -21.21 -0.61
N GLU A 11 -4.19 -20.90 0.25
CA GLU A 11 -3.76 -21.78 1.33
C GLU A 11 -4.50 -21.50 2.64
N CYS A 12 -5.49 -20.59 2.63
CA CYS A 12 -6.14 -20.10 3.83
C CYS A 12 -7.65 -20.11 3.69
N GLN A 13 -8.35 -20.61 4.72
CA GLN A 13 -9.80 -20.62 4.73
C GLN A 13 -10.32 -19.28 5.22
N ILE A 14 -11.11 -18.61 4.40
CA ILE A 14 -11.66 -17.30 4.73
C ILE A 14 -13.08 -17.49 5.24
N GLY A 15 -13.32 -17.12 6.50
CA GLY A 15 -14.61 -17.28 7.14
C GLY A 15 -15.54 -16.11 6.86
N ASN A 16 -16.46 -15.88 7.80
CA ASN A 16 -17.42 -14.80 7.61
C ASN A 16 -16.73 -13.44 7.65
N ILE A 17 -17.15 -12.54 6.75
CA ILE A 17 -16.63 -11.18 6.75
C ILE A 17 -17.78 -10.26 7.11
N PRO A 18 -17.86 -9.78 8.34
CA PRO A 18 -18.93 -8.83 8.67
C PRO A 18 -18.67 -7.50 7.98
N SER A 19 -19.77 -6.79 7.70
CA SER A 19 -19.67 -5.47 7.11
C SER A 19 -19.99 -4.38 8.12
N SER A 20 -20.41 -4.75 9.34
CA SER A 20 -20.75 -3.78 10.37
C SER A 20 -20.34 -4.30 11.73
N VAL A 21 -19.73 -3.41 12.52
CA VAL A 21 -19.42 -3.61 13.93
C VAL A 21 -19.88 -2.36 14.65
N ASN A 22 -19.58 -2.28 15.95
CA ASN A 22 -19.74 -1.06 16.72
C ASN A 22 -18.51 -0.90 17.58
N ASN A 23 -17.54 -0.11 17.09
CA ASN A 23 -16.24 -0.02 17.76
C ASN A 23 -15.60 1.32 17.41
N ALA A 24 -15.63 2.26 18.37
CA ALA A 24 -15.02 3.57 18.14
C ALA A 24 -13.51 3.54 18.31
N LYS A 25 -12.97 2.44 18.80
CA LYS A 25 -11.53 2.18 18.81
C LYS A 25 -11.11 1.50 17.52
N LEU A 26 -9.79 1.36 17.34
CA LEU A 26 -9.25 0.67 16.19
C LEU A 26 -9.52 -0.83 16.30
N PRO A 27 -10.05 -1.46 15.24
CA PRO A 27 -10.24 -2.92 15.29
C PRO A 27 -8.90 -3.65 15.48
N ASP A 28 -9.00 -4.80 16.14
CA ASP A 28 -7.86 -5.66 16.44
C ASP A 28 -7.38 -6.38 15.19
N PRO A 29 -6.11 -6.20 14.79
CA PRO A 29 -5.63 -6.91 13.61
C PRO A 29 -5.18 -8.33 13.89
N PHE A 30 -5.05 -8.71 15.16
CA PHE A 30 -4.63 -10.06 15.52
C PHE A 30 -5.81 -10.99 15.76
N MET A 31 -7.03 -10.52 15.52
CA MET A 31 -8.23 -11.31 15.78
C MET A 31 -8.63 -12.02 14.49
N GLY A 32 -8.52 -13.34 14.49
CA GLY A 32 -8.88 -14.10 13.31
C GLY A 32 -10.36 -14.02 13.01
N LEU A 33 -10.70 -14.28 11.74
CA LEU A 33 -12.10 -14.42 11.35
C LEU A 33 -12.77 -15.58 12.03
N ASP A 34 -12.01 -16.59 12.44
CA ASP A 34 -12.61 -17.68 13.21
C ASP A 34 -12.83 -17.32 14.67
N GLY A 35 -12.61 -16.07 15.06
CA GLY A 35 -12.84 -15.65 16.43
C GLY A 35 -11.70 -15.87 17.39
N LYS A 36 -10.57 -16.45 16.95
CA LYS A 36 -9.44 -16.70 17.83
C LYS A 36 -8.30 -15.73 17.53
N ARG A 37 -7.70 -15.16 18.58
CA ARG A 37 -6.52 -14.32 18.39
C ARG A 37 -5.33 -15.18 17.99
N ILE A 38 -4.49 -14.66 17.12
CA ILE A 38 -3.31 -15.41 16.71
C ILE A 38 -2.27 -15.37 17.82
N SER A 39 -1.47 -16.43 17.91
CA SER A 39 -0.41 -16.52 18.89
C SER A 39 0.96 -16.74 18.29
N SER A 40 1.05 -17.22 17.05
CA SER A 40 2.31 -17.58 16.42
C SER A 40 2.57 -16.70 15.21
N LYS A 41 3.85 -16.49 14.89
CA LYS A 41 4.17 -15.78 13.67
C LYS A 41 3.72 -16.57 12.45
N ALA A 42 3.64 -17.89 12.57
CA ALA A 42 3.13 -18.73 11.48
C ALA A 42 1.66 -18.47 11.20
N ASP A 43 0.92 -17.98 12.20
CA ASP A 43 -0.48 -17.65 12.00
C ASP A 43 -0.66 -16.40 11.15
N TRP A 44 0.40 -15.63 10.91
CA TRP A 44 0.24 -14.39 10.16
C TRP A 44 0.01 -14.65 8.67
N LYS A 45 0.57 -15.74 8.13
CA LYS A 45 0.38 -16.04 6.72
C LYS A 45 -1.07 -15.91 6.32
N CYS A 46 -1.98 -16.54 7.08
CA CYS A 46 -3.41 -16.56 6.81
C CYS A 46 -4.17 -15.38 7.40
N ARG A 47 -3.75 -14.89 8.55
CA ARG A 47 -4.37 -13.68 9.09
C ARG A 47 -4.23 -12.51 8.10
N ARG A 48 -3.06 -12.39 7.48
CA ARG A 48 -2.83 -11.40 6.42
C ARG A 48 -3.82 -11.57 5.25
N GLU A 49 -4.08 -12.81 4.82
CA GLU A 49 -5.03 -13.02 3.73
C GLU A 49 -6.45 -12.64 4.14
N GLU A 50 -6.82 -12.95 5.38
CA GLU A 50 -8.15 -12.57 5.89
C GLU A 50 -8.37 -11.06 5.85
N ILE A 51 -7.36 -10.28 6.23
CA ILE A 51 -7.46 -8.81 6.14
C ILE A 51 -7.65 -8.39 4.67
N GLY A 52 -6.83 -8.91 3.77
CA GLY A 52 -6.98 -8.57 2.36
C GLY A 52 -8.36 -8.89 1.81
N ALA A 53 -8.87 -10.09 2.12
CA ALA A 53 -10.22 -10.46 1.71
C ALA A 53 -11.27 -9.51 2.26
N MET A 54 -11.07 -8.98 3.48
CA MET A 54 -12.00 -8.01 4.00
C MET A 54 -11.95 -6.71 3.20
N TYR A 55 -10.74 -6.22 2.91
CA TYR A 55 -10.60 -5.02 2.06
C TYR A 55 -11.18 -5.24 0.67
N GLU A 56 -10.97 -6.42 0.08
CA GLU A 56 -11.54 -6.65 -1.25
C GLU A 56 -13.06 -6.69 -1.20
N LYS A 57 -13.63 -7.27 -0.14
CA LYS A 57 -15.08 -7.31 -0.04
C LYS A 57 -15.67 -5.95 0.28
N LEU A 58 -15.01 -5.18 1.15
CA LEU A 58 -15.62 -3.99 1.73
C LEU A 58 -15.16 -2.67 1.11
N MET A 59 -13.92 -2.58 0.63
CA MET A 59 -13.42 -1.29 0.14
C MET A 59 -12.91 -1.31 -1.30
N PHE A 60 -11.98 -2.21 -1.65
CA PHE A 60 -11.31 -2.21 -2.94
C PHE A 60 -12.07 -2.97 -4.04
N GLY A 61 -12.68 -4.10 -3.72
CA GLY A 61 -13.17 -5.01 -4.73
C GLY A 61 -12.21 -6.18 -4.94
N THR A 62 -12.73 -7.24 -5.57
CA THR A 62 -11.99 -8.49 -5.65
C THR A 62 -10.78 -8.39 -6.58
N LYS A 63 -9.61 -8.78 -6.10
CA LYS A 63 -8.45 -8.80 -6.97
C LYS A 63 -8.45 -10.07 -7.81
N PRO A 64 -8.58 -9.98 -9.13
CA PRO A 64 -8.54 -11.19 -9.95
C PRO A 64 -7.17 -11.85 -9.83
N ARG A 65 -7.18 -13.15 -9.61
CA ARG A 65 -5.98 -13.91 -9.33
C ARG A 65 -5.79 -15.03 -10.36
N ASN A 66 -4.57 -15.55 -10.40
CA ASN A 66 -4.23 -16.69 -11.24
C ASN A 66 -4.65 -16.50 -12.70
N PRO A 67 -4.15 -15.45 -13.36
CA PRO A 67 -4.51 -15.24 -14.76
C PRO A 67 -4.06 -16.42 -15.61
N GLU A 68 -4.82 -16.67 -16.69
CA GLU A 68 -4.56 -17.85 -17.52
C GLU A 68 -3.15 -17.82 -18.14
N LYS A 69 -2.66 -16.65 -18.52
CA LYS A 69 -1.33 -16.58 -19.10
C LYS A 69 -0.84 -15.14 -19.06
N VAL A 70 0.43 -14.94 -18.76
CA VAL A 70 1.08 -13.64 -18.82
C VAL A 70 2.32 -13.78 -19.68
N GLU A 71 2.41 -12.97 -20.73
CA GLU A 71 3.54 -12.99 -21.63
C GLU A 71 4.29 -11.66 -21.58
N GLY A 72 5.60 -11.75 -21.53
CA GLY A 72 6.44 -10.57 -21.54
C GLY A 72 7.45 -10.59 -22.67
N SER A 73 7.65 -9.42 -23.28
CA SER A 73 8.67 -9.22 -24.29
C SER A 73 9.29 -7.85 -24.05
N TYR A 74 10.62 -7.79 -24.17
CA TYR A 74 11.37 -6.56 -23.92
C TYR A 74 12.04 -6.11 -25.20
N SER A 75 11.70 -4.91 -25.65
CA SER A 75 12.30 -4.38 -26.87
C SER A 75 12.31 -2.86 -26.78
N GLY A 76 13.43 -2.25 -27.16
CA GLY A 76 13.53 -0.80 -27.18
C GLY A 76 13.27 -0.14 -25.83
N GLY A 77 13.84 -0.70 -24.77
CA GLY A 77 13.69 -0.13 -23.45
C GLY A 77 12.28 -0.14 -22.89
N LYS A 78 11.36 -0.87 -23.52
CA LYS A 78 9.97 -0.94 -23.08
C LYS A 78 9.58 -2.40 -22.89
N LEU A 79 8.99 -2.72 -21.74
CA LEU A 79 8.50 -4.07 -21.46
C LEU A 79 7.01 -4.13 -21.74
N THR A 80 6.61 -5.02 -22.64
CA THR A 80 5.21 -5.16 -23.01
C THR A 80 4.63 -6.43 -22.40
N ILE A 81 3.55 -6.28 -21.65
CA ILE A 81 2.91 -7.35 -20.90
C ILE A 81 1.56 -7.65 -21.56
N LYS A 82 1.40 -8.88 -22.04
CA LYS A 82 0.15 -9.37 -22.61
C LYS A 82 -0.48 -10.36 -21.64
N VAL A 83 -1.70 -10.09 -21.20
CA VAL A 83 -2.40 -10.94 -20.24
C VAL A 83 -3.58 -11.60 -20.96
N THR A 84 -3.65 -12.93 -20.85
CA THR A 84 -4.78 -13.72 -21.36
C THR A 84 -5.65 -14.13 -20.19
N ASP A 85 -6.95 -13.86 -20.28
CA ASP A 85 -7.85 -14.22 -19.21
C ASP A 85 -9.28 -13.97 -19.67
N LYS A 86 -10.20 -14.81 -19.18
CA LYS A 86 -11.64 -14.62 -19.36
C LYS A 86 -12.02 -14.40 -20.82
N GLY A 87 -11.44 -15.21 -21.72
CA GLY A 87 -11.83 -15.22 -23.11
C GLY A 87 -11.23 -14.14 -24.00
N LYS A 88 -10.40 -13.26 -23.47
CA LYS A 88 -9.85 -12.17 -24.30
C LYS A 88 -8.41 -11.90 -23.85
N SER A 89 -7.81 -10.84 -24.40
CA SER A 89 -6.45 -10.44 -24.06
C SER A 89 -6.42 -8.94 -23.78
N GLY A 90 -5.50 -8.55 -22.91
CA GLY A 90 -5.25 -7.15 -22.62
C GLY A 90 -3.75 -6.92 -22.53
N SER A 91 -3.26 -5.82 -23.11
CA SER A 91 -1.84 -5.57 -23.16
C SER A 91 -1.53 -4.17 -22.67
N PHE A 92 -0.38 -4.03 -22.00
CA PHE A 92 0.14 -2.73 -21.62
C PHE A 92 1.66 -2.83 -21.53
N SER A 93 2.32 -1.69 -21.55
CA SER A 93 3.77 -1.65 -21.54
C SER A 93 4.27 -0.64 -20.52
N VAL A 94 5.48 -0.89 -20.02
CA VAL A 94 6.13 -0.03 -19.04
C VAL A 94 7.53 0.29 -19.53
N LYS A 95 7.95 1.54 -19.36
CA LYS A 95 9.31 1.97 -19.69
C LYS A 95 10.29 1.51 -18.62
N ILE A 96 11.53 1.21 -19.04
CA ILE A 96 12.56 0.73 -18.14
C ILE A 96 13.86 1.52 -18.35
N SER A 97 14.50 1.94 -17.24
CA SER A 97 15.82 2.56 -17.23
C SER A 97 16.76 1.76 -16.32
N ASN A 98 18.03 1.66 -16.73
CA ASN A 98 19.04 0.67 -16.29
C ASN A 98 18.65 -0.73 -16.78
N ALA A 99 19.53 -1.73 -16.59
CA ALA A 99 19.26 -3.06 -17.12
C ALA A 99 20.12 -4.16 -16.50
N GLY A 100 20.40 -5.20 -17.28
CA GLY A 100 21.26 -6.28 -16.81
C GLY A 100 21.69 -7.30 -17.86
N ASP A 103 21.83 -11.54 -17.51
CA ASP A 103 22.99 -12.17 -16.90
C ASP A 103 23.31 -11.60 -15.52
N LYS A 104 23.29 -10.26 -15.40
CA LYS A 104 23.49 -9.56 -14.13
C LYS A 104 22.22 -8.75 -13.84
N PRO A 105 21.21 -9.35 -13.23
CA PRO A 105 19.97 -8.63 -12.95
C PRO A 105 20.17 -7.52 -11.93
N LYS A 106 19.32 -6.49 -12.04
CA LYS A 106 19.45 -5.29 -11.23
C LYS A 106 18.17 -5.02 -10.45
N PRO A 107 18.27 -4.65 -9.16
CA PRO A 107 17.07 -4.27 -8.41
C PRO A 107 16.41 -3.04 -9.02
N ALA A 108 15.11 -2.92 -8.78
CA ALA A 108 14.31 -1.96 -9.52
C ALA A 108 13.30 -1.30 -8.60
N MET A 109 12.99 -0.04 -8.90
CA MET A 109 11.91 0.70 -8.30
C MET A 109 10.80 0.87 -9.33
N ILE A 110 9.59 0.48 -8.99
CA ILE A 110 8.42 0.67 -9.84
C ILE A 110 7.67 1.88 -9.33
N GLY A 111 7.31 2.78 -10.25
CA GLY A 111 6.66 4.00 -9.83
C GLY A 111 5.53 4.38 -10.75
N PHE A 112 4.42 4.84 -10.18
CA PHE A 112 3.36 5.41 -10.99
C PHE A 112 3.87 6.66 -11.66
N GLY A 113 3.42 6.90 -12.89
CA GLY A 113 3.86 8.07 -13.61
C GLY A 113 3.22 8.15 -14.97
N GLY A 114 3.74 9.05 -15.80
CA GLY A 114 3.20 9.27 -17.13
C GLY A 114 2.12 10.34 -17.14
N GLY A 119 7.63 11.56 -15.01
CA GLY A 119 8.33 11.11 -13.82
C GLY A 119 7.95 9.69 -13.41
N CYS A 120 8.81 9.05 -12.62
CA CYS A 120 8.59 7.71 -12.07
C CYS A 120 8.52 7.84 -10.55
N GLY A 121 7.33 8.07 -10.02
CA GLY A 121 7.19 8.41 -8.62
C GLY A 121 7.62 9.84 -8.38
N SER A 122 7.73 10.20 -7.09
CA SER A 122 7.96 11.58 -6.69
C SER A 122 9.04 11.70 -5.62
N LEU A 123 10.00 10.78 -5.59
CA LEU A 123 11.09 10.84 -4.62
C LEU A 123 12.20 11.77 -5.03
N GLY A 124 12.23 12.17 -6.30
CA GLY A 124 13.18 13.18 -6.75
C GLY A 124 14.61 12.68 -6.66
N ASN A 125 15.48 13.56 -6.17
CA ASN A 125 16.91 13.28 -6.09
C ASN A 125 17.28 12.36 -4.95
N ALA A 126 16.30 11.87 -4.18
CA ALA A 126 16.57 10.93 -3.09
C ALA A 126 17.18 9.62 -3.57
N THR A 127 16.99 9.28 -4.84
CA THR A 127 17.51 8.02 -5.35
C THR A 127 18.83 8.19 -6.09
N ASN A 128 19.31 9.42 -6.27
CA ASN A 128 20.54 9.67 -7.03
C ASN A 128 21.73 9.04 -6.34
N GLY A 129 22.57 8.36 -7.13
CA GLY A 129 23.69 7.61 -6.61
C GLY A 129 23.38 6.16 -6.27
N LEU A 130 22.14 5.70 -6.46
CA LEU A 130 21.77 4.30 -6.21
C LEU A 130 21.59 3.58 -7.55
N ASP A 131 22.45 2.59 -7.81
CA ASP A 131 22.42 1.89 -9.10
C ASP A 131 21.26 0.89 -9.11
N ILE A 132 20.05 1.43 -9.28
CA ILE A 132 18.84 0.65 -9.36
C ILE A 132 18.15 0.98 -10.68
N ALA A 133 17.33 0.04 -11.15
CA ALA A 133 16.54 0.25 -12.35
C ALA A 133 15.27 1.03 -12.02
N GLN A 134 14.70 1.67 -13.03
CA GLN A 134 13.46 2.44 -12.86
C GLN A 134 12.43 1.98 -13.88
N ILE A 135 11.25 1.61 -13.40
CA ILE A 135 10.14 1.15 -14.22
C ILE A 135 8.96 2.09 -13.96
N THR A 136 8.46 2.70 -15.03
CA THR A 136 7.34 3.64 -14.94
C THR A 136 6.06 2.92 -15.34
N PHE A 137 5.05 3.00 -14.48
CA PHE A 137 3.75 2.36 -14.71
C PHE A 137 2.69 3.45 -14.84
N ASN A 138 2.07 3.56 -16.01
CA ASN A 138 1.00 4.52 -16.21
C ASN A 138 -0.33 3.86 -15.86
N PRO A 139 -0.92 4.13 -14.69
CA PRO A 139 -2.16 3.44 -14.32
C PRO A 139 -3.28 3.65 -15.31
N ASP A 140 -3.25 4.71 -16.11
CA ASP A 140 -4.26 4.85 -17.15
C ASP A 140 -4.23 3.70 -18.15
N ASP A 141 -3.09 3.03 -18.30
CA ASP A 141 -3.01 1.85 -19.17
C ASP A 141 -3.90 0.70 -18.71
N VAL A 142 -4.29 0.67 -17.43
CA VAL A 142 -5.07 -0.43 -16.85
C VAL A 142 -6.42 0.03 -16.33
N ALA A 143 -6.49 1.20 -15.71
CA ALA A 143 -7.75 1.67 -15.17
C ALA A 143 -7.70 3.17 -14.94
N PRO A 144 -8.09 3.98 -15.93
CA PRO A 144 -8.15 5.43 -15.71
C PRO A 144 -9.21 5.78 -14.68
N GLU A 145 -9.00 6.91 -14.00
CA GLU A 145 -9.96 7.34 -12.98
C GLU A 145 -11.30 7.73 -13.55
N SER A 146 -11.35 8.09 -14.84
CA SER A 146 -12.61 8.33 -15.54
C SER A 146 -13.48 7.09 -15.61
N GLY A 147 -12.90 5.91 -15.45
CA GLY A 147 -13.59 4.65 -15.69
C GLY A 147 -13.02 3.95 -16.90
N GLY A 148 -13.62 2.81 -17.20
CA GLY A 148 -13.15 2.05 -18.33
C GLY A 148 -11.75 1.53 -18.10
N GLY A 149 -11.03 1.32 -19.20
CA GLY A 149 -9.68 0.83 -19.20
C GLY A 149 -9.59 -0.64 -19.59
N MET A 150 -8.34 -1.07 -19.82
CA MET A 150 -8.07 -2.45 -20.22
C MET A 150 -8.51 -3.44 -19.15
N PHE A 151 -8.28 -3.11 -17.87
CA PHE A 151 -8.71 -3.98 -16.78
C PHE A 151 -10.17 -4.35 -16.94
N PHE A 152 -11.03 -3.37 -17.17
CA PHE A 152 -12.45 -3.64 -17.22
C PHE A 152 -12.92 -4.13 -18.58
N GLN A 153 -11.97 -4.41 -19.49
CA GLN A 153 -12.26 -5.24 -20.64
C GLN A 153 -12.23 -6.71 -20.27
N LEU A 154 -11.36 -7.08 -19.33
CA LEU A 154 -11.26 -8.45 -18.86
C LEU A 154 -12.21 -8.77 -17.73
N TYR A 155 -12.47 -7.80 -16.84
CA TYR A 155 -13.15 -8.08 -15.59
C TYR A 155 -14.37 -7.17 -15.43
N ASN A 156 -15.34 -7.62 -14.64
CA ASN A 156 -16.55 -6.83 -14.48
C ASN A 156 -17.28 -7.06 -13.16
N GLN A 157 -16.54 -7.22 -12.06
CA GLN A 157 -17.13 -7.43 -10.74
C GLN A 157 -17.15 -6.15 -9.90
N GLY A 158 -17.38 -5.01 -10.55
CA GLY A 158 -17.55 -3.75 -9.85
C GLY A 158 -16.35 -3.24 -9.08
N GLN A 159 -15.14 -3.69 -9.41
CA GLN A 159 -13.98 -3.28 -8.64
C GLN A 159 -13.75 -1.78 -8.78
N GLY A 160 -12.98 -1.23 -7.83
CA GLY A 160 -12.51 0.13 -7.96
C GLY A 160 -11.20 0.17 -8.72
N THR A 161 -10.72 1.39 -8.98
CA THR A 161 -9.54 1.52 -9.82
C THR A 161 -8.27 1.15 -9.06
N ILE A 162 -8.23 1.35 -7.74
CA ILE A 162 -7.00 1.08 -7.00
C ILE A 162 -6.61 -0.40 -7.10
N ILE A 163 -7.59 -1.30 -6.95
CA ILE A 163 -7.25 -2.73 -6.98
C ILE A 163 -6.89 -3.17 -8.40
N ALA A 164 -7.33 -2.41 -9.40
CA ALA A 164 -6.92 -2.62 -10.78
C ALA A 164 -5.45 -2.23 -10.98
N TRP A 165 -4.98 -1.20 -10.28
CA TRP A 165 -3.56 -0.87 -10.33
C TRP A 165 -2.72 -1.93 -9.63
N ALA A 166 -3.16 -2.40 -8.45
CA ALA A 166 -2.47 -3.50 -7.79
C ALA A 166 -2.42 -4.74 -8.68
N TRP A 167 -3.52 -5.04 -9.37
CA TRP A 167 -3.50 -6.10 -10.37
C TRP A 167 -2.46 -5.81 -11.44
N GLY A 168 -2.42 -4.56 -11.92
CA GLY A 168 -1.48 -4.22 -12.97
C GLY A 168 -0.04 -4.48 -12.57
N VAL A 169 0.37 -3.97 -11.40
CA VAL A 169 1.74 -4.15 -10.95
C VAL A 169 2.04 -5.62 -10.74
N SER A 170 1.06 -6.37 -10.25
CA SER A 170 1.21 -7.82 -10.14
C SER A 170 1.46 -8.49 -11.49
N ARG A 171 0.92 -7.93 -12.58
CA ARG A 171 1.19 -8.53 -13.88
C ARG A 171 2.54 -8.12 -14.44
N ILE A 172 3.03 -6.93 -14.04
CA ILE A 172 4.41 -6.55 -14.34
C ILE A 172 5.38 -7.58 -13.77
N ILE A 173 5.21 -7.92 -12.49
CA ILE A 173 6.10 -8.89 -11.85
C ILE A 173 5.95 -10.25 -12.50
N ASP A 174 4.72 -10.63 -12.88
CA ASP A 174 4.54 -11.87 -13.65
C ASP A 174 5.38 -11.85 -14.92
N ALA A 175 5.29 -10.77 -15.72
CA ALA A 175 6.05 -10.74 -16.96
C ALA A 175 7.55 -10.70 -16.71
N LEU A 176 7.96 -9.97 -15.66
CA LEU A 176 9.39 -9.89 -15.33
C LEU A 176 9.98 -11.26 -15.03
N GLU A 177 9.27 -12.06 -14.24
CA GLU A 177 9.77 -13.38 -13.84
C GLU A 177 10.12 -14.28 -15.02
N LYS A 178 9.61 -13.99 -16.22
CA LYS A 178 9.91 -14.80 -17.41
C LYS A 178 10.40 -13.94 -18.56
N THR A 179 11.04 -12.80 -18.25
CA THR A 179 11.67 -11.95 -19.26
C THR A 179 13.01 -11.50 -18.71
N PRO A 180 13.99 -12.40 -18.63
CA PRO A 180 15.29 -12.03 -18.06
C PRO A 180 16.02 -10.98 -18.90
N GLU A 181 15.75 -10.91 -20.20
CA GLU A 181 16.38 -9.89 -21.04
C GLU A 181 16.02 -8.48 -20.61
N ALA A 182 14.97 -8.32 -19.80
CA ALA A 182 14.69 -7.02 -19.20
C ALA A 182 15.75 -6.61 -18.19
N GLY A 183 16.56 -7.55 -17.71
CA GLY A 183 17.65 -7.26 -16.80
C GLY A 183 17.22 -6.68 -15.47
N ILE A 184 16.25 -7.30 -14.82
CA ILE A 184 15.72 -6.81 -13.55
C ILE A 184 15.66 -7.97 -12.57
N ASP A 185 16.13 -7.71 -11.35
CA ASP A 185 16.07 -8.69 -10.26
C ASP A 185 14.69 -8.60 -9.62
N VAL A 186 13.86 -9.62 -9.86
CA VAL A 186 12.50 -9.61 -9.34
C VAL A 186 12.47 -9.85 -7.84
N LYS A 187 13.55 -10.38 -7.28
CA LYS A 187 13.68 -10.60 -5.84
C LYS A 187 13.98 -9.33 -5.07
N HIS A 188 14.22 -8.18 -5.75
CA HIS A 188 14.57 -6.92 -5.08
C HIS A 188 13.81 -5.77 -5.75
N LEU A 189 12.52 -5.69 -5.47
CA LEU A 189 11.61 -4.75 -6.12
C LEU A 189 10.98 -3.82 -5.11
N ALA A 190 10.93 -2.53 -5.45
CA ALA A 190 10.25 -1.53 -4.64
C ALA A 190 9.11 -0.90 -5.43
N MET A 191 8.19 -0.28 -4.71
CA MET A 191 7.03 0.41 -5.27
C MET A 191 6.88 1.79 -4.65
N THR A 192 6.57 2.79 -5.47
CA THR A 192 6.43 4.13 -4.91
C THR A 192 5.50 4.98 -5.76
N GLY A 193 5.07 6.08 -5.17
CA GLY A 193 4.06 6.93 -5.74
C GLY A 193 3.49 7.83 -4.67
N CYS A 194 2.97 8.99 -5.11
CA CYS A 194 2.58 10.07 -4.20
C CYS A 194 1.12 10.42 -4.42
N SER A 195 0.46 10.86 -3.36
CA SER A 195 -0.91 11.35 -3.40
C SER A 195 -1.82 10.21 -3.85
N ARG A 196 -2.62 10.36 -4.92
CA ARG A 196 -3.45 9.25 -5.39
C ARG A 196 -2.62 8.01 -5.65
N TRP A 197 -1.36 8.17 -6.04
CA TRP A 197 -0.49 7.05 -6.33
C TRP A 197 0.26 6.58 -5.09
N GLY A 198 0.15 7.32 -3.98
CA GLY A 198 0.52 6.81 -2.67
C GLY A 198 -0.53 5.89 -2.10
N LYS A 199 -1.82 6.21 -2.31
CA LYS A 199 -2.87 5.25 -2.00
C LYS A 199 -2.72 4.01 -2.87
N GLY A 200 -2.37 4.20 -4.14
CA GLY A 200 -2.13 3.08 -5.02
C GLY A 200 -0.93 2.25 -4.61
N THR A 201 0.16 2.90 -4.20
CA THR A 201 1.36 2.18 -3.80
C THR A 201 1.11 1.30 -2.57
N LEU A 202 0.42 1.84 -1.56
CA LEU A 202 0.13 1.06 -0.35
C LEU A 202 -0.61 -0.23 -0.70
N ALA A 203 -1.67 -0.10 -1.50
CA ALA A 203 -2.45 -1.27 -1.88
C ALA A 203 -1.63 -2.23 -2.74
N VAL A 204 -0.78 -1.69 -3.63
CA VAL A 204 0.07 -2.53 -4.47
C VAL A 204 0.95 -3.42 -3.61
N GLY A 205 1.71 -2.81 -2.68
CA GLY A 205 2.59 -3.58 -1.81
C GLY A 205 1.86 -4.46 -0.83
N ALA A 206 0.63 -4.09 -0.46
CA ALA A 206 -0.18 -4.88 0.46
C ALA A 206 -0.72 -6.14 -0.19
N PHE A 207 -0.97 -6.10 -1.50
CA PHE A 207 -1.63 -7.20 -2.20
C PHE A 207 -0.69 -7.97 -3.11
N ASP A 208 0.59 -7.62 -3.14
CA ASP A 208 1.59 -8.45 -3.82
C ASP A 208 2.80 -8.58 -2.90
N GLU A 209 3.01 -9.80 -2.35
CA GLU A 209 4.11 -10.10 -1.44
C GLU A 209 5.48 -10.07 -2.11
N ARG A 210 5.52 -9.91 -3.45
CA ARG A 210 6.79 -9.82 -4.16
C ARG A 210 7.34 -8.40 -4.20
N ILE A 211 6.67 -7.45 -3.55
CA ILE A 211 7.16 -6.09 -3.40
C ILE A 211 7.96 -6.06 -2.09
N ALA A 212 9.27 -5.92 -2.21
CA ALA A 212 10.14 -6.06 -1.06
C ALA A 212 10.28 -4.77 -0.27
N LEU A 213 9.84 -3.64 -0.84
CA LEU A 213 9.93 -2.33 -0.19
C LEU A 213 8.81 -1.44 -0.73
N THR A 214 7.91 -1.04 0.16
CA THR A 214 6.73 -0.26 -0.19
C THR A 214 6.92 1.16 0.33
N ILE A 215 6.90 2.13 -0.58
CA ILE A 215 7.15 3.53 -0.20
C ILE A 215 5.98 4.42 -0.60
N PRO A 216 4.86 4.38 0.13
CA PRO A 216 3.75 5.28 -0.19
C PRO A 216 4.01 6.68 0.35
N GLN A 217 3.89 7.67 -0.53
CA GLN A 217 4.21 9.06 -0.24
C GLN A 217 2.92 9.87 -0.18
N GLU A 218 2.76 10.62 0.91
CA GLU A 218 1.61 11.52 1.10
C GLU A 218 0.32 10.87 0.63
N SER A 219 0.03 9.68 1.19
CA SER A 219 -1.04 8.85 0.63
C SER A 219 -2.41 9.34 1.09
N GLY A 220 -2.49 10.05 2.21
CA GLY A 220 -3.75 10.66 2.60
C GLY A 220 -4.90 9.69 2.83
N SER A 221 -6.12 10.23 2.75
CA SER A 221 -7.32 9.45 3.04
C SER A 221 -7.57 8.42 1.94
N GLY A 222 -8.00 7.23 2.36
CA GLY A 222 -7.93 6.06 1.53
C GLY A 222 -6.59 5.38 1.55
N GLY A 223 -5.54 6.08 1.98
CA GLY A 223 -4.21 5.55 2.18
C GLY A 223 -3.97 5.19 3.64
N ALA A 224 -2.76 5.48 4.11
CA ALA A 224 -2.44 5.20 5.52
C ALA A 224 -2.92 6.36 6.39
N SER A 225 -4.23 6.45 6.53
CA SER A 225 -4.84 7.46 7.39
C SER A 225 -6.07 6.84 8.04
N LEU A 226 -6.20 6.99 9.37
CA LEU A 226 -7.28 6.33 10.09
C LEU A 226 -8.62 6.98 9.80
N TRP A 227 -9.58 6.17 9.34
CA TRP A 227 -10.92 6.68 9.05
C TRP A 227 -11.57 7.28 10.31
N ARG A 228 -11.37 6.63 11.46
CA ARG A 228 -11.99 7.14 12.68
C ARG A 228 -11.36 8.45 13.12
N VAL A 229 -10.05 8.60 12.94
CA VAL A 229 -9.40 9.83 13.39
C VAL A 229 -9.74 10.98 12.46
N GLY A 230 -9.80 10.72 11.14
CA GLY A 230 -10.26 11.74 10.22
C GLY A 230 -11.64 12.27 10.57
N ALA A 231 -12.56 11.37 10.88
CA ALA A 231 -13.90 11.79 11.27
C ALA A 231 -13.90 12.54 12.58
N GLN A 232 -12.98 12.18 13.49
CA GLN A 232 -12.86 12.93 14.73
C GLN A 232 -12.36 14.35 14.46
N VAL A 233 -11.28 14.48 13.67
CA VAL A 233 -10.76 15.80 13.35
C VAL A 233 -11.86 16.67 12.74
N ASN A 234 -12.59 16.12 11.78
CA ASN A 234 -13.63 16.91 11.13
C ASN A 234 -14.73 17.33 12.08
N LYS A 235 -15.02 16.53 13.11
CA LYS A 235 -15.95 16.97 14.14
C LYS A 235 -15.35 18.05 15.02
N GLN A 236 -14.05 17.98 15.30
CA GLN A 236 -13.41 19.00 16.13
C GLN A 236 -13.33 20.35 15.40
N LYS A 237 -13.20 20.33 14.08
CA LYS A 237 -13.14 21.56 13.31
C LYS A 237 -14.53 22.13 12.98
N GLY A 238 -15.57 21.29 12.99
CA GLY A 238 -16.87 21.72 12.52
C GLY A 238 -17.02 21.79 11.01
N LYS A 239 -16.10 21.20 10.26
CA LYS A 239 -16.12 21.25 8.81
C LYS A 239 -15.20 20.16 8.27
N GLN A 240 -15.22 19.96 6.94
CA GLN A 240 -14.44 18.91 6.32
C GLN A 240 -12.99 19.37 6.10
N PHE A 241 -12.28 19.46 7.21
CA PHE A 241 -10.88 19.86 7.23
C PHE A 241 -10.02 18.82 6.51
N VAL A 242 -10.13 17.59 6.92
CA VAL A 242 -9.48 16.46 6.29
C VAL A 242 -10.43 15.90 5.26
N GLN A 243 -9.89 15.34 4.16
CA GLN A 243 -10.71 14.61 3.20
C GLN A 243 -11.47 13.49 3.90
N GLY A 244 -12.81 13.54 3.85
CA GLY A 244 -13.63 12.60 4.60
C GLY A 244 -13.83 11.28 3.87
N LEU A 245 -14.51 10.36 4.55
CA LEU A 245 -14.68 9.01 4.00
C LEU A 245 -15.48 9.04 2.70
N SER A 246 -16.62 9.75 2.68
CA SER A 246 -17.39 9.83 1.46
C SER A 246 -16.56 10.36 0.29
N SER A 247 -15.79 11.43 0.51
CA SER A 247 -15.02 12.01 -0.58
C SER A 247 -13.97 11.04 -1.09
N ALA A 248 -13.21 10.42 -0.18
CA ALA A 248 -12.24 9.40 -0.59
C ALA A 248 -12.94 8.18 -1.21
N GLY A 249 -14.18 7.91 -0.83
CA GLY A 249 -14.95 6.82 -1.42
C GLY A 249 -15.62 7.16 -2.73
N THR A 250 -15.45 8.39 -3.22
CA THR A 250 -16.02 8.83 -4.47
C THR A 250 -14.98 9.21 -5.50
N GLU A 251 -13.98 10.00 -5.10
CA GLU A 251 -12.98 10.51 -6.03
C GLU A 251 -12.30 9.38 -6.79
N GLY A 252 -12.05 9.62 -8.08
CA GLY A 252 -11.18 8.76 -8.87
C GLY A 252 -11.63 7.32 -9.06
N LYS A 253 -12.89 7.03 -8.71
CA LYS A 253 -13.42 5.65 -8.75
C LYS A 253 -12.51 4.68 -8.00
N TRP A 254 -11.77 5.18 -7.00
CA TRP A 254 -10.79 4.37 -6.30
C TRP A 254 -11.43 3.16 -5.60
N MET A 255 -12.57 3.37 -4.96
CA MET A 255 -13.19 2.35 -4.11
C MET A 255 -14.48 1.84 -4.73
N ILE A 256 -14.94 0.67 -4.27
CA ILE A 256 -16.18 0.13 -4.77
C ILE A 256 -17.33 1.05 -4.36
N SER A 257 -18.42 1.00 -5.13
CA SER A 257 -19.45 2.02 -4.98
C SER A 257 -20.14 1.98 -3.63
N SER A 258 -20.09 0.85 -2.93
CA SER A 258 -20.75 0.72 -1.65
C SER A 258 -19.99 1.37 -0.50
N PHE A 259 -18.68 1.57 -0.64
CA PHE A 259 -17.85 1.96 0.49
C PHE A 259 -18.23 3.33 1.07
N LYS A 260 -18.62 4.28 0.23
CA LYS A 260 -19.00 5.61 0.74
C LYS A 260 -20.19 5.56 1.68
N ASN A 261 -20.94 4.45 1.75
CA ASN A 261 -22.07 4.40 2.67
C ASN A 261 -21.63 4.35 4.13
N TYR A 262 -20.35 4.18 4.43
CA TYR A 262 -19.87 4.23 5.81
C TYR A 262 -19.74 5.64 6.35
N ASP A 263 -19.98 6.66 5.52
CA ASP A 263 -19.48 8.00 5.83
C ASP A 263 -20.04 8.52 7.15
N GLY A 264 -21.35 8.50 7.33
CA GLY A 264 -21.77 9.02 8.65
C GLY A 264 -21.45 8.11 9.83
N LYS A 265 -20.86 6.93 9.59
CA LYS A 265 -20.76 5.92 10.64
C LYS A 265 -19.44 5.18 10.58
N GLU A 266 -18.35 5.91 10.77
CA GLU A 266 -17.02 5.31 10.75
C GLU A 266 -16.81 4.30 11.86
N ASN A 267 -17.56 4.38 12.95
CA ASN A 267 -17.38 3.41 14.02
C ASN A 267 -17.89 2.03 13.64
N THR A 268 -18.65 1.91 12.54
CA THR A 268 -19.13 0.60 12.11
C THR A 268 -18.15 -0.11 11.17
N LEU A 269 -17.09 0.56 10.72
CA LEU A 269 -16.08 -0.06 9.88
C LEU A 269 -15.45 -1.27 10.59
N PRO A 270 -15.56 -2.49 10.03
CA PRO A 270 -14.88 -3.65 10.62
C PRO A 270 -13.37 -3.57 10.56
N PHE A 271 -12.80 -2.57 9.90
CA PHE A 271 -11.35 -2.41 9.83
C PHE A 271 -11.03 -0.94 10.04
N ASP A 272 -9.74 -0.65 10.14
CA ASP A 272 -9.24 0.70 9.86
C ASP A 272 -7.88 0.54 9.20
N GLN A 273 -7.35 1.67 8.69
CA GLN A 273 -6.24 1.64 7.75
C GLN A 273 -4.92 1.21 8.35
N HIS A 274 -4.83 1.12 9.68
CA HIS A 274 -3.69 0.40 10.26
C HIS A 274 -3.65 -1.06 9.79
N MET A 275 -4.81 -1.63 9.43
CA MET A 275 -4.81 -3.02 8.98
C MET A 275 -4.38 -3.17 7.53
N LEU A 276 -4.65 -2.17 6.68
CA LEU A 276 -4.06 -2.19 5.34
CA LEU A 276 -4.07 -2.17 5.34
C LEU A 276 -2.54 -2.08 5.43
N VAL A 277 -2.04 -1.17 6.26
CA VAL A 277 -0.60 -1.10 6.49
C VAL A 277 -0.09 -2.46 6.96
N ALA A 278 -0.82 -3.11 7.85
CA ALA A 278 -0.38 -4.39 8.38
C ALA A 278 -0.31 -5.49 7.31
N MET A 279 -1.06 -5.37 6.21
CA MET A 279 -0.88 -6.31 5.11
C MET A 279 0.52 -6.28 4.53
N VAL A 280 1.24 -5.16 4.66
CA VAL A 280 2.60 -5.13 4.13
C VAL A 280 3.56 -5.88 5.05
N ALA A 281 3.24 -5.99 6.34
CA ALA A 281 4.17 -6.60 7.28
C ALA A 281 4.34 -8.08 6.94
N PRO A 282 5.54 -8.64 7.17
CA PRO A 282 6.68 -7.94 7.77
C PRO A 282 7.65 -7.34 6.74
N ARG A 283 7.21 -7.25 5.49
CA ARG A 283 8.05 -6.66 4.45
C ARG A 283 8.32 -5.17 4.75
N ALA A 284 9.45 -4.68 4.23
CA ALA A 284 9.86 -3.31 4.52
C ALA A 284 8.85 -2.30 3.98
N LEU A 285 8.62 -1.24 4.77
CA LEU A 285 7.61 -0.24 4.47
C LEU A 285 8.07 1.11 5.01
N LEU A 286 8.22 2.09 4.11
CA LEU A 286 8.68 3.43 4.45
C LEU A 286 7.60 4.41 4.05
N ILE A 287 6.92 5.00 5.03
CA ILE A 287 5.80 5.91 4.79
C ILE A 287 6.32 7.33 4.89
N LEU A 288 6.22 8.05 3.79
CA LEU A 288 6.68 9.42 3.67
C LEU A 288 5.45 10.32 3.66
N ASP A 289 5.29 11.09 4.73
CA ASP A 289 4.12 11.93 4.90
C ASP A 289 4.51 13.40 4.97
N ASN A 290 3.53 14.26 4.70
CA ASN A 290 3.67 15.71 4.77
C ASN A 290 2.93 16.20 6.01
N ALA A 291 2.97 17.52 6.22
CA ALA A 291 2.16 18.13 7.28
C ALA A 291 1.79 19.54 6.85
N GLY A 292 0.76 20.09 7.51
CA GLY A 292 0.21 21.35 7.09
C GLY A 292 -0.66 21.29 5.86
N GLN A 293 -0.87 20.11 5.29
CA GLN A 293 -1.84 19.92 4.21
C GLN A 293 -3.14 19.47 4.85
N GLU A 294 -4.13 20.36 4.84
CA GLU A 294 -5.38 20.13 5.55
C GLU A 294 -6.09 18.88 5.05
N TRP A 295 -6.38 18.84 3.75
CA TRP A 295 -7.04 17.72 3.09
C TRP A 295 -6.27 16.42 3.28
N LEU A 296 -4.93 16.49 3.26
CA LEU A 296 -4.15 15.26 3.35
C LEU A 296 -4.38 14.53 4.67
N GLY A 297 -4.67 15.27 5.74
CA GLY A 297 -4.95 14.63 7.02
C GLY A 297 -3.71 14.43 7.88
N GLU A 298 -3.18 15.52 8.42
CA GLU A 298 -1.95 15.44 9.21
C GLU A 298 -2.10 14.53 10.41
N VAL A 299 -3.14 14.73 11.20
CA VAL A 299 -3.33 13.99 12.46
C VAL A 299 -3.73 12.55 12.15
N PRO A 300 -4.77 12.28 11.36
CA PRO A 300 -5.13 10.87 11.10
C PRO A 300 -4.06 10.08 10.36
N SER A 301 -3.24 10.72 9.53
CA SER A 301 -2.11 10.00 8.92
C SER A 301 -1.03 9.70 9.96
N ASN A 302 -0.70 10.67 10.80
CA ASN A 302 0.28 10.45 11.87
C ASN A 302 -0.20 9.36 12.80
N TYR A 303 -1.48 9.39 13.18
CA TYR A 303 -2.00 8.42 14.12
C TYR A 303 -2.07 7.04 13.49
N CYS A 304 -2.32 6.97 12.18
CA CYS A 304 -2.18 5.69 11.49
C CYS A 304 -0.73 5.21 11.54
N GLY A 305 0.21 6.12 11.27
CA GLY A 305 1.62 5.76 11.36
C GLY A 305 1.98 5.23 12.73
N GLN A 306 1.54 5.92 13.78
CA GLN A 306 1.87 5.48 15.13
C GLN A 306 1.18 4.16 15.45
N ALA A 307 -0.12 4.05 15.15
CA ALA A 307 -0.87 2.84 15.50
C ALA A 307 -0.37 1.60 14.78
N SER A 308 0.12 1.75 13.54
CA SER A 308 0.46 0.60 12.70
C SER A 308 1.68 -0.14 13.21
N LYS A 309 2.51 0.48 14.04
CA LYS A 309 3.71 -0.18 14.53
C LYS A 309 3.43 -1.48 15.29
N GLU A 310 2.20 -1.68 15.78
CA GLU A 310 1.95 -2.82 16.65
C GLU A 310 2.17 -4.15 15.92
N VAL A 311 1.71 -4.25 14.67
CA VAL A 311 1.88 -5.50 13.93
C VAL A 311 3.36 -5.75 13.63
N TYR A 312 4.10 -4.74 13.19
CA TYR A 312 5.51 -4.97 12.91
C TYR A 312 6.26 -5.37 14.18
N ASP A 313 5.96 -4.71 15.31
CA ASP A 313 6.59 -5.08 16.58
C ASP A 313 6.29 -6.53 16.94
N ALA A 314 5.03 -6.94 16.78
CA ALA A 314 4.61 -8.29 17.16
C ALA A 314 5.32 -9.37 16.36
N LEU A 315 5.52 -9.14 15.07
CA LEU A 315 6.23 -10.10 14.23
C LEU A 315 7.74 -10.03 14.41
N GLY A 316 8.24 -9.14 15.26
CA GLY A 316 9.67 -8.99 15.40
C GLY A 316 10.36 -8.31 14.24
N ALA A 317 9.65 -7.42 13.54
CA ALA A 317 10.17 -6.74 12.36
C ALA A 317 10.14 -5.22 12.54
N THR A 318 10.34 -4.77 13.77
CA THR A 318 10.34 -3.34 14.05
C THR A 318 11.34 -2.59 13.17
N GLU A 319 12.42 -3.26 12.77
CA GLU A 319 13.43 -2.59 11.98
C GLU A 319 12.99 -2.35 10.55
N ASN A 320 11.87 -2.93 10.11
CA ASN A 320 11.44 -2.87 8.72
C ASN A 320 10.28 -1.91 8.49
N TYR A 321 9.90 -1.12 9.50
CA TYR A 321 8.82 -0.17 9.34
C TYR A 321 9.26 1.20 9.83
N THR A 322 9.12 2.22 8.99
CA THR A 322 9.38 3.61 9.37
C THR A 322 8.21 4.47 8.91
N TYR A 323 7.70 5.31 9.81
CA TYR A 323 6.80 6.40 9.47
C TYR A 323 7.55 7.70 9.66
N SER A 324 7.70 8.47 8.58
CA SER A 324 8.46 9.71 8.57
C SER A 324 7.56 10.83 8.08
N GLN A 325 7.23 11.77 8.97
CA GLN A 325 6.39 12.91 8.65
C GLN A 325 7.24 14.17 8.74
N GLU A 326 7.41 14.86 7.62
CA GLU A 326 8.03 16.19 7.61
C GLU A 326 7.13 17.11 6.80
N GLY A 327 6.66 18.18 7.45
CA GLY A 327 5.89 19.21 6.79
C GLY A 327 6.76 20.35 6.29
N GLY A 328 6.12 21.50 6.04
CA GLY A 328 6.85 22.68 5.63
C GLY A 328 7.36 22.67 4.19
N HIS A 329 6.73 21.89 3.32
CA HIS A 329 7.19 21.81 1.93
C HIS A 329 6.01 21.52 1.03
N GLY A 330 6.25 21.61 -0.28
CA GLY A 330 5.18 21.49 -1.23
C GLY A 330 4.72 20.06 -1.44
N HIS A 331 3.46 19.92 -1.86
CA HIS A 331 2.89 18.60 -2.08
C HIS A 331 3.72 17.79 -3.07
N CYS A 332 4.06 16.57 -2.67
CA CYS A 332 4.79 15.59 -3.47
C CYS A 332 6.16 16.08 -3.93
N GLN A 333 6.73 17.08 -3.26
CA GLN A 333 8.11 17.48 -3.51
C GLN A 333 8.90 17.14 -2.24
N LEU A 334 9.66 16.04 -2.31
CA LEU A 334 10.26 15.47 -1.11
C LEU A 334 11.38 16.36 -0.59
N PRO A 335 11.38 16.71 0.70
CA PRO A 335 12.47 17.54 1.24
C PRO A 335 13.71 16.73 1.52
N ASN A 336 14.87 17.40 1.37
CA ASN A 336 16.16 16.76 1.62
C ASN A 336 16.26 16.07 2.98
N GLY A 337 15.46 16.51 3.97
CA GLY A 337 15.47 15.84 5.26
C GLY A 337 14.96 14.40 5.24
N GLN A 338 14.34 13.96 4.15
CA GLN A 338 13.87 12.59 4.03
C GLN A 338 14.66 11.79 3.01
N PHE A 339 15.72 12.37 2.42
CA PHE A 339 16.56 11.61 1.50
C PHE A 339 17.27 10.47 2.20
N ASP A 340 17.72 10.70 3.44
CA ASP A 340 18.40 9.65 4.19
C ASP A 340 17.51 8.43 4.41
N GLU A 341 16.22 8.67 4.64
CA GLU A 341 15.28 7.56 4.79
C GLU A 341 15.22 6.72 3.53
N VAL A 342 14.97 7.37 2.38
CA VAL A 342 14.87 6.64 1.11
C VAL A 342 16.15 5.85 0.85
N LYS A 343 17.30 6.50 1.01
CA LYS A 343 18.57 5.83 0.73
C LYS A 343 18.81 4.66 1.69
N ASP A 344 18.49 4.84 2.97
CA ASP A 344 18.75 3.80 3.94
C ASP A 344 17.93 2.54 3.64
N PHE A 345 16.65 2.72 3.28
CA PHE A 345 15.78 1.57 3.04
C PHE A 345 16.12 0.89 1.72
N MET A 346 16.44 1.68 0.69
CA MET A 346 16.80 1.09 -0.60
C MET A 346 18.13 0.37 -0.52
N ASN A 347 19.10 0.94 0.18
CA ASN A 347 20.35 0.23 0.38
C ASN A 347 20.14 -1.06 1.15
N LYS A 348 19.24 -1.04 2.14
CA LYS A 348 19.10 -2.19 3.02
C LYS A 348 18.29 -3.31 2.37
N PHE A 349 17.15 -2.98 1.78
CA PHE A 349 16.21 -3.98 1.29
C PHE A 349 16.28 -4.20 -0.22
N LEU A 350 17.05 -3.40 -0.95
CA LEU A 350 17.22 -3.63 -2.38
C LEU A 350 18.65 -3.98 -2.77
N LEU A 351 19.65 -3.37 -2.13
CA LEU A 351 21.04 -3.49 -2.54
C LEU A 351 21.89 -4.26 -1.52
N GLY A 352 21.29 -4.82 -0.49
CA GLY A 352 22.02 -5.66 0.44
C GLY A 352 23.01 -4.97 1.35
N LYS A 353 22.96 -3.64 1.48
CA LYS A 353 23.88 -2.90 2.34
C LYS A 353 23.17 -2.52 3.63
N ASP A 354 23.76 -2.89 4.77
CA ASP A 354 23.07 -2.70 6.04
C ASP A 354 22.97 -1.22 6.40
N ALA A 355 21.93 -0.90 7.16
CA ALA A 355 21.70 0.44 7.69
C ALA A 355 20.75 0.35 8.88
N LYS A 356 20.83 1.34 9.77
CA LYS A 356 19.92 1.44 10.90
C LYS A 356 18.56 1.93 10.43
N THR A 357 17.53 1.11 10.62
CA THR A 357 16.19 1.43 10.15
C THR A 357 15.17 1.07 11.22
N GLY A 358 13.97 1.64 11.09
CA GLY A 358 12.90 1.40 12.04
C GLY A 358 12.70 2.55 13.00
N LYS A 359 11.66 3.35 12.75
CA LYS A 359 11.60 4.65 13.41
C LYS A 359 10.21 5.24 13.26
N ILE A 360 9.78 5.99 14.27
CA ILE A 360 8.55 6.77 14.21
C ILE A 360 8.95 8.23 14.44
N ASP A 361 8.89 9.04 13.39
CA ASP A 361 9.46 10.39 13.40
C ASP A 361 8.52 11.38 12.73
N TYR A 362 8.21 12.47 13.42
CA TYR A 362 7.38 13.53 12.84
C TYR A 362 7.89 14.89 13.27
N THR A 363 8.14 15.79 12.31
CA THR A 363 8.64 17.13 12.59
C THR A 363 7.96 18.15 11.69
N LYS A 364 8.00 19.43 12.10
CA LYS A 364 7.39 20.53 11.37
C LYS A 364 5.88 20.33 11.23
N ASN A 365 5.26 19.87 12.31
CA ASN A 365 3.82 19.72 12.36
C ASN A 365 3.15 21.09 12.52
N THR A 366 1.89 21.15 12.11
CA THR A 366 1.05 22.33 12.29
C THR A 366 -0.13 22.08 13.20
N GLN A 367 -0.33 20.84 13.66
CA GLN A 367 -1.42 20.50 14.55
C GLN A 367 -0.85 19.85 15.81
N THR A 368 -1.68 19.74 16.84
CA THR A 368 -1.21 19.15 18.08
C THR A 368 -1.16 17.63 17.87
N ILE A 369 0.03 17.04 18.06
CA ILE A 369 0.22 15.61 17.89
C ILE A 369 0.23 14.96 19.27
N ASN A 370 -0.84 14.24 19.60
CA ASN A 370 -0.91 13.60 20.90
C ASN A 370 -1.63 12.27 20.73
N PHE A 371 -0.91 11.27 20.25
CA PHE A 371 -1.50 9.95 20.03
C PHE A 371 -1.43 9.16 21.32
N LYS A 372 -2.57 8.94 21.96
CA LYS A 372 -2.61 8.18 23.19
C LYS A 372 -3.15 6.79 22.89
N LYS A 373 -2.30 5.78 23.04
CA LYS A 373 -2.73 4.42 22.74
C LYS A 373 -4.00 4.06 23.49
N SER A 374 -4.16 4.57 24.71
CA SER A 374 -5.34 4.30 25.52
C SER A 374 -6.64 4.79 24.89
N GLU A 375 -6.59 5.81 24.03
CA GLU A 375 -7.79 6.29 23.37
C GLU A 375 -8.16 5.46 22.14
N TRP A 376 -7.16 4.91 21.46
CA TRP A 376 -7.38 4.32 20.17
C TRP A 376 -7.18 2.81 20.11
N ILE A 377 -6.62 2.19 21.16
CA ILE A 377 -6.25 0.78 21.11
C ILE A 377 -6.55 0.16 22.47
N ASP A 378 -7.53 -0.77 22.51
CA ASP A 378 -7.93 -1.40 23.77
C ASP A 378 -7.61 -2.89 23.80
N TRP A 379 -6.99 -3.41 22.73
CA TRP A 379 -6.49 -4.77 22.63
C TRP A 379 -4.99 -4.79 22.91
N GLU A 380 -4.55 -5.86 23.57
CA GLU A 380 -3.13 -6.10 23.82
C GLU A 380 -2.41 -6.52 22.55
N THR A 381 -1.16 -6.08 22.39
CA THR A 381 -0.31 -6.50 21.28
C THR A 381 0.40 -7.80 21.66
N PRO A 382 0.04 -8.94 21.07
CA PRO A 382 0.57 -10.22 21.55
C PRO A 382 2.04 -10.39 21.24
N SER A 383 2.63 -11.39 21.89
CA SER A 383 4.02 -11.78 21.65
C SER A 383 3.98 -13.03 20.77
N LEU A 384 4.06 -12.81 19.45
CA LEU A 384 3.93 -13.91 18.50
C LEU A 384 5.16 -14.81 18.54
N LYS A 385 4.95 -16.11 18.73
CA LYS A 385 6.04 -17.04 18.95
C LYS A 385 6.65 -17.52 17.65
N ASP A 386 7.96 -17.81 17.69
CA ASP A 386 8.61 -18.46 16.56
C ASP A 386 8.32 -19.96 16.58
N PRO A 387 8.18 -20.60 15.42
CA PRO A 387 7.89 -22.03 15.33
C PRO A 387 9.12 -22.91 15.37
ZN ZN B . 15.79 12.06 7.27
ZN ZN C . 1.89 -14.87 2.42
#